data_2X46
#
_entry.id   2X46
#
_cell.length_a   32.497
_cell.length_b   55.661
_cell.length_c   61.928
_cell.angle_alpha   90.00
_cell.angle_beta   90.00
_cell.angle_gamma   90.00
#
_symmetry.space_group_name_H-M   'P 21 21 21'
#
loop_
_entity.id
_entity.type
_entity.pdbx_description
1 polymer 'ALLERGEN ARG R 1'
2 non-polymer 2-AMINO-2-HYDROXYMETHYL-PROPANE-1,3-DIOL
3 water water
#
_entity_poly.entity_id   1
_entity_poly.type   'polypeptide(L)'
_entity_poly.pdbx_seq_one_letter_code
;(MSE)DDCSGKTDAWTSIKGPKTGGYWLKQTTKTGENECTYVKGTDFKENTKTATYTYGYKDASGKLTKTTGTA(MSE)A
KGSDIVVGSDTSTVIYTDGKTCDVVKHGGHTELWVHSSKTSGGYNNCCDKKFTETRGSTPANEVYKKCPG(MSE)P
;
_entity_poly.pdbx_strand_id   A
#
loop_
_chem_comp.id
_chem_comp.type
_chem_comp.name
_chem_comp.formula
TRS non-polymer 2-AMINO-2-HYDROXYMETHYL-PROPANE-1,3-DIOL 'C4 H12 N O3 1'
#
# COMPACT_ATOMS: atom_id res chain seq x y z
N MSE A 1 13.05 18.62 -6.27
CA MSE A 1 11.62 19.03 -6.33
C MSE A 1 10.73 18.16 -5.46
O MSE A 1 11.05 16.99 -5.21
CB MSE A 1 11.05 18.96 -7.71
CG MSE A 1 11.80 19.55 -8.52
SE MSE A 1 12.28 21.65 -8.42
CE MSE A 1 10.67 22.15 -8.51
N ASP A 2 9.65 18.76 -5.00
CA ASP A 2 8.67 18.16 -4.12
C ASP A 2 7.31 18.14 -4.78
N ASP A 3 7.16 17.25 -5.76
CA ASP A 3 5.93 17.17 -6.53
C ASP A 3 5.01 16.23 -5.75
N CYS A 4 4.50 16.72 -4.61
CA CYS A 4 3.82 15.86 -3.64
C CYS A 4 2.32 16.08 -3.54
N SER A 5 1.79 17.05 -4.28
CA SER A 5 0.39 17.39 -4.19
C SER A 5 -0.34 16.93 -5.43
N GLY A 6 -1.60 16.53 -5.22
CA GLY A 6 -2.49 16.15 -6.30
C GLY A 6 -2.24 14.77 -6.89
N LYS A 7 -1.39 13.98 -6.24
CA LYS A 7 -0.99 12.66 -6.75
C LYS A 7 -1.88 11.61 -6.10
N THR A 8 -3.16 11.68 -6.44
CA THR A 8 -4.19 10.95 -5.71
C THR A 8 -4.92 9.92 -6.60
N ASP A 9 -4.27 9.47 -7.68
CA ASP A 9 -4.96 8.58 -8.61
C ASP A 9 -4.92 7.13 -8.13
N ALA A 10 -6.09 6.56 -7.90
CA ALA A 10 -6.15 5.19 -7.41
C ALA A 10 -5.55 4.20 -8.39
N TRP A 11 -5.82 4.34 -9.69
CA TRP A 11 -5.34 3.36 -10.64
C TRP A 11 -3.80 3.34 -10.67
N THR A 12 -3.19 4.52 -10.65
CA THR A 12 -1.73 4.61 -10.59
C THR A 12 -1.19 3.82 -9.40
N SER A 13 -1.87 3.96 -8.26
CA SER A 13 -1.48 3.25 -7.05
C SER A 13 -1.69 1.74 -7.11
N ILE A 14 -2.81 1.31 -7.67
CA ILE A 14 -3.07 -0.13 -7.82
C ILE A 14 -2.01 -0.78 -8.68
N LYS A 15 -1.69 -0.16 -9.82
CA LYS A 15 -0.71 -0.73 -10.75
C LYS A 15 0.69 -0.74 -10.20
N GLY A 16 1.08 0.37 -9.59
CA GLY A 16 2.48 0.57 -9.29
C GLY A 16 3.28 0.36 -10.57
N PRO A 17 4.47 -0.22 -10.45
CA PRO A 17 5.30 -0.50 -11.62
C PRO A 17 4.91 -1.81 -12.33
N LYS A 18 3.81 -2.43 -11.91
CA LYS A 18 3.23 -3.65 -12.46
C LYS A 18 4.16 -4.83 -12.31
N THR A 19 5.11 -4.74 -11.40
CA THR A 19 6.00 -5.83 -11.05
C THR A 19 6.24 -5.76 -9.54
N GLY A 20 6.78 -6.81 -8.95
CA GLY A 20 6.96 -6.85 -7.50
C GLY A 20 5.63 -6.68 -6.79
N GLY A 21 5.67 -6.11 -5.60
CA GLY A 21 4.46 -5.84 -4.84
C GLY A 21 4.81 -4.79 -3.80
N TYR A 22 3.85 -4.53 -2.90
CA TYR A 22 4.01 -3.51 -1.87
C TYR A 22 3.85 -4.12 -0.48
N TRP A 23 4.74 -3.69 0.41
CA TRP A 23 4.65 -4.01 1.82
C TRP A 23 4.08 -2.81 2.58
N LEU A 24 3.26 -3.09 3.57
CA LEU A 24 2.84 -2.06 4.51
C LEU A 24 4.01 -1.80 5.44
N LYS A 25 4.57 -0.60 5.37
CA LYS A 25 5.74 -0.25 6.16
C LYS A 25 5.36 0.33 7.53
N GLN A 26 4.47 1.33 7.52
CA GLN A 26 4.04 1.98 8.75
C GLN A 26 2.53 2.18 8.70
N THR A 27 1.91 2.11 9.87
CA THR A 27 0.48 2.37 9.98
C THR A 27 0.18 2.98 11.34
N THR A 28 -0.90 3.76 11.41
CA THR A 28 -1.42 4.19 12.69
C THR A 28 -2.14 3.07 13.46
N LYS A 29 -2.46 1.95 12.81
CA LYS A 29 -3.14 0.87 13.49
C LYS A 29 -2.18 0.13 14.42
N THR A 30 -2.61 -0.10 15.65
CA THR A 30 -1.87 -0.95 16.57
C THR A 30 -2.45 -2.36 16.43
N GLY A 31 -1.60 -3.35 16.68
CA GLY A 31 -1.99 -4.74 16.52
C GLY A 31 -2.15 -5.17 15.07
N GLU A 32 -1.53 -4.45 14.14
CA GLU A 32 -1.58 -4.83 12.74
C GLU A 32 -0.83 -6.14 12.52
N ASN A 33 -1.27 -6.92 11.54
CA ASN A 33 -0.58 -8.14 11.19
C ASN A 33 0.78 -7.81 10.57
N GLU A 34 1.83 -8.40 11.09
CA GLU A 34 3.16 -8.18 10.55
C GLU A 34 3.22 -8.68 9.10
N CYS A 35 4.03 -7.99 8.30
CA CYS A 35 4.29 -8.40 6.93
C CYS A 35 3.06 -8.35 6.05
N THR A 36 2.17 -7.43 6.34
CA THR A 36 1.05 -7.13 5.46
C THR A 36 1.57 -6.67 4.10
N TYR A 37 0.98 -7.20 3.03
CA TYR A 37 1.42 -6.93 1.67
C TYR A 37 0.23 -6.94 0.73
N VAL A 38 0.46 -6.36 -0.46
CA VAL A 38 -0.40 -6.48 -1.64
CA VAL A 38 -0.40 -6.52 -1.62
C VAL A 38 0.47 -6.70 -2.87
N LYS A 39 0.10 -7.64 -3.74
CA LYS A 39 0.72 -7.77 -5.06
C LYS A 39 -0.38 -7.76 -6.12
N GLY A 40 -0.20 -6.92 -7.13
CA GLY A 40 -1.16 -6.79 -8.19
C GLY A 40 -0.78 -7.62 -9.40
N THR A 41 -1.82 -8.13 -10.07
CA THR A 41 -1.68 -8.87 -11.32
C THR A 41 -2.95 -8.62 -12.16
N ASP A 42 -3.00 -9.19 -13.35
CA ASP A 42 -4.18 -9.14 -14.21
C ASP A 42 -4.64 -7.69 -14.44
N PHE A 43 -3.69 -6.79 -14.74
CA PHE A 43 -4.02 -5.36 -14.88
C PHE A 43 -4.79 -5.11 -16.15
N LYS A 44 -5.92 -4.39 -16.03
CA LYS A 44 -6.79 -4.06 -17.16
C LYS A 44 -6.89 -2.54 -17.24
N GLU A 45 -6.08 -1.95 -18.12
CA GLU A 45 -6.04 -0.47 -18.22
CA GLU A 45 -6.03 -0.51 -18.23
C GLU A 45 -7.40 0.10 -18.57
N ASN A 46 -8.14 -0.57 -19.46
CA ASN A 46 -9.37 0.06 -19.97
C ASN A 46 -10.49 0.09 -18.96
N THR A 47 -10.42 -0.71 -17.88
CA THR A 47 -11.43 -0.68 -16.82
C THR A 47 -10.83 -0.30 -15.46
N LYS A 48 -9.52 -0.01 -15.44
CA LYS A 48 -8.80 0.35 -14.20
C LYS A 48 -9.13 -0.64 -13.09
N THR A 49 -8.98 -1.93 -13.44
CA THR A 49 -9.23 -3.05 -12.53
C THR A 49 -8.04 -3.99 -12.56
N ALA A 50 -7.76 -4.59 -11.41
CA ALA A 50 -6.69 -5.57 -11.30
C ALA A 50 -7.07 -6.64 -10.30
N THR A 51 -6.33 -7.73 -10.33
CA THR A 51 -6.38 -8.72 -9.24
C THR A 51 -5.35 -8.31 -8.16
N TYR A 52 -5.79 -8.30 -6.91
CA TYR A 52 -4.88 -8.23 -5.77
C TYR A 52 -4.72 -9.63 -5.18
N THR A 53 -3.49 -9.95 -4.79
CA THR A 53 -3.23 -11.03 -3.84
C THR A 53 -2.68 -10.32 -2.60
N TYR A 54 -3.27 -10.56 -1.41
CA TYR A 54 -2.93 -9.77 -0.24
C TYR A 54 -2.97 -10.65 0.98
N GLY A 55 -2.25 -10.24 2.00
CA GLY A 55 -2.15 -11.04 3.21
C GLY A 55 -1.03 -10.56 4.10
N TYR A 56 -0.56 -11.47 4.95
CA TYR A 56 0.32 -11.12 6.06
C TYR A 56 0.87 -12.42 6.65
N LYS A 57 1.74 -12.29 7.64
CA LYS A 57 2.43 -13.40 8.24
C LYS A 57 1.50 -14.23 9.07
N ASP A 58 1.51 -15.53 8.81
CA ASP A 58 0.72 -16.46 9.56
C ASP A 58 1.54 -17.02 10.75
N ALA A 59 0.92 -17.96 11.48
CA ALA A 59 1.50 -18.47 12.73
C ALA A 59 2.80 -19.25 12.52
N SER A 60 3.00 -19.73 11.29
CA SER A 60 4.22 -20.44 10.91
CA SER A 60 4.23 -20.44 10.92
C SER A 60 5.23 -19.54 10.20
N GLY A 61 4.95 -18.24 10.16
CA GLY A 61 5.85 -17.30 9.51
C GLY A 61 5.64 -17.19 8.02
N LYS A 62 4.67 -17.93 7.47
CA LYS A 62 4.35 -17.94 6.03
C LYS A 62 3.22 -16.94 5.73
N LEU A 63 3.18 -16.41 4.51
CA LEU A 63 2.16 -15.41 4.19
C LEU A 63 0.85 -16.03 3.80
N THR A 64 -0.23 -15.44 4.29
CA THR A 64 -1.54 -15.71 3.76
C THR A 64 -1.65 -15.10 2.36
N LYS A 65 -2.52 -15.68 1.54
CA LYS A 65 -2.71 -15.25 0.15
C LYS A 65 -4.20 -15.26 -0.15
N THR A 66 -4.82 -14.09 -0.09
CA THR A 66 -6.22 -13.93 -0.44
C THR A 66 -6.29 -13.12 -1.71
N THR A 67 -7.12 -13.56 -2.65
CA THR A 67 -7.30 -12.81 -3.88
C THR A 67 -8.59 -11.98 -3.83
N GLY A 68 -8.56 -10.87 -4.54
CA GLY A 68 -9.72 -10.06 -4.71
C GLY A 68 -9.53 -9.15 -5.91
N THR A 69 -10.59 -8.48 -6.31
CA THR A 69 -10.55 -7.57 -7.42
C THR A 69 -10.47 -6.15 -6.90
N ALA A 70 -9.43 -5.40 -7.31
CA ALA A 70 -9.27 -4.00 -6.93
C ALA A 70 -9.71 -3.14 -8.10
N MSE A 71 -10.61 -2.21 -7.80
CA MSE A 71 -11.14 -1.28 -8.78
C MSE A 71 -10.73 0.14 -8.41
O MSE A 71 -10.92 0.57 -7.26
CB MSE A 71 -12.66 -1.35 -8.85
CG MSE A 71 -13.21 -2.71 -9.22
SE MSE A 71 -15.12 -2.68 -9.22
CE MSE A 71 -15.45 -4.61 -9.40
N ALA A 72 -10.23 0.89 -9.37
CA ALA A 72 -9.96 2.31 -9.16
C ALA A 72 -11.24 3.11 -9.38
N LYS A 73 -11.58 3.94 -8.40
CA LYS A 73 -12.74 4.82 -8.44
C LYS A 73 -12.27 6.21 -8.01
N GLY A 74 -11.66 6.94 -8.94
CA GLY A 74 -11.13 8.24 -8.66
C GLY A 74 -9.88 8.10 -7.81
N SER A 75 -9.95 8.60 -6.58
CA SER A 75 -8.88 8.42 -5.61
C SER A 75 -9.09 7.20 -4.72
N ASP A 76 -10.19 6.47 -4.88
CA ASP A 76 -10.46 5.34 -4.04
C ASP A 76 -10.09 4.03 -4.71
N ILE A 77 -9.45 3.17 -3.94
CA ILE A 77 -9.19 1.80 -4.31
C ILE A 77 -10.24 0.94 -3.62
N VAL A 78 -11.08 0.27 -4.39
CA VAL A 78 -12.22 -0.45 -3.85
C VAL A 78 -11.97 -1.95 -4.03
N VAL A 79 -12.04 -2.67 -2.90
CA VAL A 79 -11.97 -4.12 -2.90
C VAL A 79 -13.22 -4.59 -2.15
N GLY A 80 -14.28 -4.88 -2.91
CA GLY A 80 -15.54 -5.25 -2.33
C GLY A 80 -16.07 -4.17 -1.40
N SER A 81 -16.25 -4.55 -0.13
CA SER A 81 -16.78 -3.66 0.89
C SER A 81 -15.72 -2.79 1.56
N ASP A 82 -14.46 -2.93 1.18
CA ASP A 82 -13.41 -2.12 1.74
C ASP A 82 -12.88 -1.13 0.71
N THR A 83 -12.39 -0.01 1.22
CA THR A 83 -11.89 1.08 0.41
CA THR A 83 -11.83 1.03 0.37
C THR A 83 -10.62 1.63 1.06
N SER A 84 -9.65 2.01 0.24
CA SER A 84 -8.54 2.84 0.66
C SER A 84 -8.48 4.06 -0.23
N THR A 85 -8.19 5.21 0.33
CA THR A 85 -8.16 6.43 -0.45
C THR A 85 -6.73 6.91 -0.58
N VAL A 86 -6.32 7.16 -1.82
CA VAL A 86 -4.94 7.57 -2.07
C VAL A 86 -4.72 9.04 -1.71
N ILE A 87 -3.78 9.27 -0.81
CA ILE A 87 -3.33 10.60 -0.44
C ILE A 87 -2.11 11.01 -1.29
N TYR A 88 -1.20 10.05 -1.55
CA TYR A 88 -0.09 10.28 -2.44
C TYR A 88 0.32 8.95 -3.03
N THR A 89 0.62 8.93 -4.32
CA THR A 89 1.27 7.79 -4.95
C THR A 89 2.23 8.29 -6.00
N ASP A 90 3.36 7.59 -6.17
CA ASP A 90 4.20 7.81 -7.33
C ASP A 90 4.05 6.71 -8.39
N GLY A 91 3.23 5.69 -8.13
CA GLY A 91 3.12 4.56 -9.04
C GLY A 91 4.39 3.75 -9.22
N LYS A 92 5.37 3.91 -8.34
CA LYS A 92 6.69 3.33 -8.55
C LYS A 92 7.33 2.78 -7.28
N THR A 93 7.28 3.53 -6.19
CA THR A 93 8.02 3.19 -4.98
C THR A 93 7.20 3.16 -3.73
N CYS A 94 6.10 3.93 -3.64
CA CYS A 94 5.41 4.04 -2.37
C CYS A 94 4.06 4.68 -2.55
N ASP A 95 3.23 4.51 -1.52
CA ASP A 95 1.92 5.14 -1.46
C ASP A 95 1.63 5.54 -0.03
N VAL A 96 0.83 6.59 0.11
CA VAL A 96 0.19 6.94 1.38
C VAL A 96 -1.30 6.86 1.15
N VAL A 97 -1.99 6.08 1.99
CA VAL A 97 -3.42 5.93 1.85
C VAL A 97 -4.09 6.09 3.21
N LYS A 98 -5.37 6.45 3.13
CA LYS A 98 -6.27 6.42 4.26
C LYS A 98 -7.13 5.16 4.12
N HIS A 99 -7.07 4.29 5.10
CA HIS A 99 -7.71 3.00 5.04
C HIS A 99 -8.50 2.86 6.36
N GLY A 100 -9.80 3.00 6.34
CA GLY A 100 -10.55 2.77 7.63
C GLY A 100 -10.07 3.52 8.88
N GLY A 101 -9.93 4.84 8.71
CA GLY A 101 -9.51 5.83 9.66
C GLY A 101 -8.00 5.89 9.82
N HIS A 102 -7.32 4.82 9.36
CA HIS A 102 -5.90 4.68 9.57
C HIS A 102 -5.11 5.21 8.42
N THR A 103 -3.94 5.72 8.72
CA THR A 103 -3.00 6.19 7.73
C THR A 103 -1.95 5.10 7.54
N GLU A 104 -1.69 4.77 6.27
CA GLU A 104 -0.76 3.70 5.91
C GLU A 104 0.28 4.22 4.92
N LEU A 105 1.53 3.83 5.15
CA LEU A 105 2.67 4.04 4.24
C LEU A 105 3.03 2.67 3.68
N TRP A 106 2.88 2.53 2.35
CA TRP A 106 3.22 1.32 1.62
C TRP A 106 4.49 1.57 0.81
N VAL A 107 5.37 0.58 0.78
CA VAL A 107 6.64 0.70 0.05
C VAL A 107 6.80 -0.49 -0.87
N HIS A 108 7.19 -0.22 -2.10
CA HIS A 108 7.41 -1.25 -3.10
C HIS A 108 8.54 -2.17 -2.66
N SER A 109 8.45 -3.42 -3.07
CA SER A 109 9.42 -4.44 -2.71
C SER A 109 10.84 -4.11 -3.14
N SER A 110 11.03 -3.25 -4.13
CA SER A 110 12.36 -2.78 -4.56
C SER A 110 12.98 -1.74 -3.65
N LYS A 111 12.20 -1.17 -2.74
CA LYS A 111 12.67 -0.03 -1.94
C LYS A 111 12.50 -0.30 -0.46
N THR A 112 12.38 -1.58 -0.11
CA THR A 112 12.20 -1.98 1.26
CA THR A 112 12.22 -2.01 1.25
C THR A 112 13.34 -1.44 2.12
N SER A 113 14.55 -1.37 1.55
CA SER A 113 15.73 -0.88 2.28
C SER A 113 15.79 0.66 2.43
N GLY A 114 14.92 1.38 1.74
CA GLY A 114 14.86 2.84 1.79
C GLY A 114 14.90 3.46 0.43
N GLY A 115 14.85 4.78 0.39
CA GLY A 115 15.07 5.47 -0.85
C GLY A 115 13.86 5.57 -1.76
N TYR A 116 12.69 5.23 -1.23
CA TYR A 116 11.43 5.51 -1.91
C TYR A 116 11.18 7.02 -1.90
N ASN A 117 10.16 7.47 -2.64
CA ASN A 117 9.94 8.90 -2.81
C ASN A 117 9.61 9.56 -1.49
N ASN A 118 10.37 10.60 -1.11
CA ASN A 118 10.15 11.20 0.20
C ASN A 118 8.85 12.00 0.32
N CYS A 119 8.15 12.22 -0.80
CA CYS A 119 6.78 12.71 -0.68
C CYS A 119 5.93 11.78 0.20
N CYS A 120 6.23 10.49 0.17
CA CYS A 120 5.49 9.54 0.99
C CYS A 120 5.71 9.82 2.47
N ASP A 121 6.95 10.13 2.86
CA ASP A 121 7.21 10.43 4.27
C ASP A 121 6.44 11.67 4.71
N LYS A 122 6.47 12.71 3.89
CA LYS A 122 5.79 14.00 4.18
CA LYS A 122 5.81 13.95 4.30
C LYS A 122 4.29 13.78 4.34
N LYS A 123 3.73 13.13 3.32
CA LYS A 123 2.30 12.96 3.29
C LYS A 123 1.83 11.99 4.37
N PHE A 124 2.65 11.00 4.72
CA PHE A 124 2.29 10.10 5.82
C PHE A 124 2.21 10.91 7.15
N THR A 125 3.24 11.71 7.41
CA THR A 125 3.28 12.50 8.64
C THR A 125 2.07 13.45 8.70
N GLU A 126 1.79 14.12 7.58
CA GLU A 126 0.67 15.06 7.50
C GLU A 126 -0.63 14.38 7.80
N THR A 127 -0.82 13.18 7.25
CA THR A 127 -2.11 12.54 7.32
C THR A 127 -2.40 11.97 8.71
N ARG A 128 -1.36 11.42 9.36
CA ARG A 128 -1.58 10.73 10.62
C ARG A 128 -1.75 11.68 11.81
N GLY A 129 -1.28 12.91 11.70
CA GLY A 129 -1.40 13.83 12.83
C GLY A 129 -0.76 13.31 14.09
N SER A 130 -1.45 13.41 15.23
CA SER A 130 -0.83 13.07 16.49
C SER A 130 -0.82 11.56 16.76
N THR A 131 -1.43 10.75 15.92
CA THR A 131 -1.47 9.32 16.20
C THR A 131 -0.13 8.70 15.83
N PRO A 132 0.53 8.01 16.76
CA PRO A 132 1.83 7.42 16.44
CA PRO A 132 1.84 7.50 16.39
C PRO A 132 1.80 6.41 15.32
N ALA A 133 2.91 6.31 14.60
CA ALA A 133 3.10 5.28 13.59
C ALA A 133 3.69 4.02 14.19
N ASN A 134 3.32 2.89 13.62
CA ASN A 134 3.77 1.56 14.04
C ASN A 134 4.42 0.86 12.87
N GLU A 135 5.55 0.20 13.12
CA GLU A 135 6.27 -0.56 12.11
C GLU A 135 5.62 -1.90 11.88
N VAL A 136 5.46 -2.28 10.62
CA VAL A 136 4.74 -3.51 10.24
C VAL A 136 5.66 -4.54 9.55
N TYR A 137 6.70 -4.06 8.86
CA TYR A 137 7.57 -4.93 8.06
C TYR A 137 8.69 -5.48 8.94
N LYS A 138 8.43 -6.61 9.57
CA LYS A 138 9.31 -7.24 10.56
C LYS A 138 9.43 -8.74 10.25
N LYS A 139 10.65 -9.21 10.02
CA LYS A 139 10.91 -10.65 9.83
C LYS A 139 9.95 -11.30 8.83
N CYS A 140 10.00 -10.81 7.60
CA CYS A 140 9.02 -11.15 6.58
C CYS A 140 9.55 -12.18 5.58
N PRO A 141 8.68 -13.10 5.13
CA PRO A 141 9.06 -13.94 3.98
C PRO A 141 9.08 -13.09 2.71
N GLY A 142 9.42 -13.73 1.61
CA GLY A 142 9.41 -13.06 0.33
C GLY A 142 8.03 -12.65 -0.14
N MSE A 143 8.00 -11.67 -1.04
CA MSE A 143 6.78 -11.26 -1.70
C MSE A 143 6.31 -12.41 -2.59
O MSE A 143 7.09 -12.94 -3.36
CB MSE A 143 7.09 -9.99 -2.50
CG MSE A 143 5.99 -9.43 -3.37
SE MSE A 143 4.48 -8.86 -2.45
CE MSE A 143 5.26 -7.35 -1.50
N PRO A 144 5.03 -12.81 -2.48
CA PRO A 144 4.45 -13.74 -3.45
C PRO A 144 4.35 -13.17 -4.83
C TRS B . -0.87 -0.50 -3.34
C1 TRS B . -0.36 -0.72 -1.91
C2 TRS B . -1.16 -1.84 -4.05
C3 TRS B . -2.15 0.33 -3.37
N TRS B . 0.20 0.17 -4.15
O1 TRS B . -1.30 -1.42 -1.12
O2 TRS B . 0.04 -2.57 -4.14
O3 TRS B . -2.02 1.50 -2.60
#